data_9I1M
#
_entry.id   9I1M
#
_cell.length_a   76.380
_cell.length_b   66.940
_cell.length_c   57.850
_cell.angle_alpha   90.00
_cell.angle_beta   94.45
_cell.angle_gamma   90.00
#
_symmetry.space_group_name_H-M   'C 1 2 1'
#
loop_
_entity.id
_entity.type
_entity.pdbx_description
1 polymer 'Sugar-binding protein'
2 non-polymer 'TETRAETHYLENE GLYCOL'
3 non-polymer (2~{S},3~{R},4~{R})-2-(hydroxymethyl)oxolane-2,3,4-triol
4 water water
#
_entity_poly.entity_id   1
_entity_poly.type   'polypeptide(L)'
_entity_poly.pdbx_seq_one_letter_code
;MMNKRFVINMVSSLLLGAALISAPLQAAEKVVVNISKVDGMPWFNRMGEGVVEAGKAFGVNASQVGPSSTDAPQQVKIIE
DLIARKVNAITIVPNDANVLEPVFKKARDAGIVVLTNESPGQPSANWDIEIIDNEKFAAEYVEHMAKRMGGKGGYVIYVG
SLTVPQHNLWADLLVKYQKEHYPDMHEVTRRMPVAESVDVSRRTTLDLMKTYPDLKAVVSFGSNGPIGAGRAVKEKRAKN
KVAVYGMMIPSQAASLIKSGDITEGITYDPASAGYALAAVASTLLKGEEIKPGLEMQNLGKADVDMDKRIIRFHKVLLVN
KDNIDSLY
;
_entity_poly.pdbx_strand_id   A
#
# COMPACT_ATOMS: atom_id res chain seq x y z
N ALA A 27 -11.51 25.97 -23.14
CA ALA A 27 -10.37 26.24 -22.22
C ALA A 27 -9.60 24.94 -21.96
N ALA A 28 -8.43 25.08 -21.38
CA ALA A 28 -7.61 23.93 -21.07
C ALA A 28 -8.29 23.04 -20.02
N GLU A 29 -7.91 21.78 -20.05
CA GLU A 29 -8.41 20.84 -19.06
C GLU A 29 -7.88 21.19 -17.67
N LYS A 30 -8.68 20.85 -16.66
CA LYS A 30 -8.21 20.98 -15.29
C LYS A 30 -7.07 20.00 -15.05
N VAL A 31 -6.20 20.38 -14.12
CA VAL A 31 -4.96 19.67 -13.87
C VAL A 31 -5.03 18.92 -12.55
N VAL A 32 -4.81 17.61 -12.62
CA VAL A 32 -4.84 16.67 -11.52
C VAL A 32 -3.48 15.99 -11.43
N VAL A 33 -2.82 16.06 -10.28
CA VAL A 33 -1.49 15.50 -10.13
C VAL A 33 -1.47 14.55 -8.95
N ASN A 34 -1.13 13.28 -9.20
CA ASN A 34 -0.93 12.30 -8.15
C ASN A 34 0.55 12.31 -7.74
N ILE A 35 0.81 11.95 -6.49
CA ILE A 35 2.15 11.86 -5.95
C ILE A 35 2.29 10.52 -5.26
N SER A 36 3.24 9.71 -5.73
CA SER A 36 3.45 8.39 -5.14
C SER A 36 4.29 8.52 -3.85
N LYS A 37 4.56 7.40 -3.18
CA LYS A 37 5.49 7.42 -2.06
C LYS A 37 6.94 7.64 -2.49
N VAL A 38 7.32 7.09 -3.66
CA VAL A 38 8.69 7.09 -4.12
C VAL A 38 8.72 6.52 -5.54
N ASP A 39 9.60 7.07 -6.38
CA ASP A 39 9.74 6.61 -7.75
C ASP A 39 10.57 5.33 -7.86
N GLY A 40 10.50 4.76 -9.05
CA GLY A 40 11.26 3.57 -9.40
C GLY A 40 10.70 2.28 -8.83
N MET A 41 9.38 2.22 -8.59
CA MET A 41 8.75 1.09 -7.96
C MET A 41 7.68 0.52 -8.89
N PRO A 42 7.70 -0.80 -9.20
CA PRO A 42 6.60 -1.40 -9.95
C PRO A 42 5.22 -1.05 -9.44
N TRP A 43 5.05 -1.00 -8.12
CA TRP A 43 3.75 -0.68 -7.55
C TRP A 43 3.24 0.66 -8.05
N PHE A 44 4.11 1.65 -7.97
CA PHE A 44 3.68 3.00 -8.33
C PHE A 44 3.68 3.22 -9.84
N ASN A 45 4.45 2.45 -10.61
CA ASN A 45 4.33 2.53 -12.08
C ASN A 45 2.94 2.06 -12.49
N ARG A 46 2.45 0.95 -11.88
CA ARG A 46 1.10 0.48 -12.12
C ARG A 46 0.04 1.49 -11.66
N MET A 47 0.24 2.11 -10.50
CA MET A 47 -0.65 3.16 -10.07
C MET A 47 -0.74 4.29 -11.10
N GLY A 48 0.42 4.69 -11.64
CA GLY A 48 0.49 5.76 -12.61
C GLY A 48 -0.30 5.43 -13.88
N GLU A 49 -0.25 4.16 -14.32
CA GLU A 49 -1.04 3.75 -15.47
C GLU A 49 -2.52 4.06 -15.21
N GLY A 50 -3.02 3.80 -13.98
CA GLY A 50 -4.38 4.11 -13.65
C GLY A 50 -4.68 5.62 -13.66
N VAL A 51 -3.78 6.41 -13.11
CA VAL A 51 -3.89 7.85 -13.14
C VAL A 51 -4.04 8.38 -14.56
N VAL A 52 -3.11 7.99 -15.41
CA VAL A 52 -3.08 8.48 -16.78
C VAL A 52 -4.31 8.04 -17.55
N GLU A 53 -4.76 6.81 -17.35
CA GLU A 53 -5.96 6.32 -17.99
C GLU A 53 -7.18 7.10 -17.55
N ALA A 54 -7.28 7.40 -16.25
CA ALA A 54 -8.40 8.19 -15.76
C ALA A 54 -8.39 9.59 -16.35
N GLY A 55 -7.21 10.17 -16.55
CA GLY A 55 -7.19 11.48 -17.15
C GLY A 55 -7.84 11.49 -18.53
N LYS A 56 -7.54 10.46 -19.32
CA LYS A 56 -8.14 10.32 -20.63
C LYS A 56 -9.62 10.05 -20.52
N ALA A 57 -10.01 9.18 -19.58
CA ALA A 57 -11.40 8.79 -19.42
C ALA A 57 -12.27 9.99 -19.07
N PHE A 58 -11.75 10.91 -18.23
CA PHE A 58 -12.61 11.89 -17.56
C PHE A 58 -12.29 13.29 -18.05
N GLY A 59 -11.40 13.43 -19.02
CA GLY A 59 -11.13 14.73 -19.62
C GLY A 59 -10.43 15.68 -18.64
N VAL A 60 -9.45 15.16 -17.90
CA VAL A 60 -8.60 15.99 -17.07
C VAL A 60 -7.15 15.69 -17.42
N ASN A 61 -6.30 16.69 -17.18
CA ASN A 61 -4.88 16.59 -17.43
C ASN A 61 -4.21 15.97 -16.22
N ALA A 62 -4.11 14.63 -16.24
CA ALA A 62 -3.67 13.87 -15.07
C ALA A 62 -2.25 13.37 -15.30
N SER A 63 -1.43 13.50 -14.26
CA SER A 63 -0.07 13.04 -14.22
C SER A 63 0.26 12.48 -12.84
N GLN A 64 1.41 11.82 -12.76
CA GLN A 64 1.91 11.33 -11.49
C GLN A 64 3.39 11.66 -11.33
N VAL A 65 3.72 12.25 -10.18
CA VAL A 65 5.08 12.57 -9.80
C VAL A 65 5.56 11.60 -8.73
N GLY A 66 6.73 11.00 -8.97
CA GLY A 66 7.34 10.13 -8.01
C GLY A 66 8.45 10.83 -7.27
N PRO A 67 8.38 10.94 -5.94
CA PRO A 67 9.49 11.52 -5.17
C PRO A 67 10.76 10.69 -5.29
N SER A 68 11.90 11.34 -5.04
CA SER A 68 13.19 10.64 -5.16
C SER A 68 13.43 9.67 -4.01
N SER A 69 12.75 9.84 -2.90
CA SER A 69 12.87 8.97 -1.74
C SER A 69 11.55 8.95 -0.99
N THR A 70 11.43 8.09 0.01
CA THR A 70 10.30 8.06 0.91
C THR A 70 10.37 9.07 2.03
N ASP A 71 11.35 9.97 2.05
CA ASP A 71 11.43 10.96 3.09
C ASP A 71 10.26 11.93 2.89
N ALA A 72 9.37 12.07 3.89
CA ALA A 72 8.14 12.82 3.70
C ALA A 72 8.36 14.26 3.26
N PRO A 73 9.42 14.99 3.71
CA PRO A 73 9.63 16.33 3.20
C PRO A 73 9.74 16.44 1.68
N GLN A 74 10.12 15.36 1.00
CA GLN A 74 10.17 15.43 -0.46
C GLN A 74 8.75 15.57 -1.02
N GLN A 75 7.77 14.91 -0.41
CA GLN A 75 6.38 15.09 -0.81
C GLN A 75 5.92 16.52 -0.56
N VAL A 76 6.33 17.07 0.60
CA VAL A 76 5.97 18.46 0.90
C VAL A 76 6.47 19.43 -0.17
N LYS A 77 7.72 19.23 -0.59
CA LYS A 77 8.32 20.12 -1.59
C LYS A 77 7.59 20.03 -2.92
N ILE A 78 7.20 18.79 -3.31
CA ILE A 78 6.43 18.63 -4.53
C ILE A 78 5.12 19.38 -4.43
N ILE A 79 4.41 19.23 -3.29
CA ILE A 79 3.14 19.90 -3.14
C ILE A 79 3.31 21.40 -3.19
N GLU A 80 4.35 21.94 -2.55
CA GLU A 80 4.58 23.38 -2.61
C GLU A 80 4.73 23.84 -4.07
N ASP A 81 5.46 23.08 -4.87
CA ASP A 81 5.63 23.39 -6.28
C ASP A 81 4.29 23.39 -7.02
N LEU A 82 3.46 22.40 -6.75
CA LEU A 82 2.16 22.27 -7.39
C LEU A 82 1.20 23.39 -6.99
N ILE A 83 1.26 23.85 -5.74
CA ILE A 83 0.47 25.01 -5.34
C ILE A 83 0.92 26.23 -6.14
N ALA A 84 2.22 26.42 -6.21
CA ALA A 84 2.78 27.54 -6.98
C ALA A 84 2.31 27.50 -8.44
N ARG A 85 2.21 26.30 -9.01
CA ARG A 85 1.79 26.13 -10.40
C ARG A 85 0.27 26.08 -10.57
N LYS A 86 -0.48 26.27 -9.49
CA LYS A 86 -1.93 26.50 -9.57
C LYS A 86 -2.68 25.31 -10.16
N VAL A 87 -2.25 24.10 -9.81
CA VAL A 87 -2.99 22.92 -10.20
C VAL A 87 -4.37 22.90 -9.55
N ASN A 88 -5.26 22.07 -10.06
CA ASN A 88 -6.67 22.06 -9.55
C ASN A 88 -6.88 21.00 -8.47
N ALA A 89 -6.17 19.87 -8.58
CA ALA A 89 -6.30 18.79 -7.61
C ALA A 89 -4.94 18.13 -7.43
N ILE A 90 -4.62 17.78 -6.18
CA ILE A 90 -3.45 17.03 -5.80
C ILE A 90 -3.94 15.79 -5.09
N THR A 91 -3.47 14.64 -5.55
CA THR A 91 -3.77 13.36 -4.92
C THR A 91 -2.44 12.73 -4.53
N ILE A 92 -2.44 11.91 -3.48
CA ILE A 92 -1.17 11.49 -2.91
C ILE A 92 -1.33 10.24 -2.07
N VAL A 93 -0.28 9.40 -2.09
CA VAL A 93 -0.08 8.28 -1.19
C VAL A 93 0.93 8.73 -0.12
N PRO A 94 0.48 9.21 1.05
CA PRO A 94 1.43 9.82 1.99
C PRO A 94 2.45 8.90 2.59
N ASN A 95 3.69 9.35 2.71
CA ASN A 95 4.67 8.68 3.52
C ASN A 95 4.44 8.91 5.02
N ASP A 96 3.84 10.03 5.38
CA ASP A 96 3.59 10.37 6.77
C ASP A 96 2.44 11.37 6.80
N ALA A 97 1.32 10.98 7.41
CA ALA A 97 0.12 11.80 7.40
C ALA A 97 0.37 13.13 8.12
N ASN A 98 1.09 13.09 9.23
CA ASN A 98 1.24 14.27 10.04
C ASN A 98 2.22 15.26 9.45
N VAL A 99 3.29 14.77 8.80
CA VAL A 99 4.25 15.67 8.17
C VAL A 99 3.55 16.50 7.11
N LEU A 100 2.59 15.91 6.39
CA LEU A 100 1.94 16.56 5.27
C LEU A 100 0.80 17.48 5.66
N GLU A 101 0.33 17.46 6.93
CA GLU A 101 -0.86 18.21 7.26
C GLU A 101 -0.72 19.69 6.97
N PRO A 102 0.36 20.38 7.36
CA PRO A 102 0.44 21.80 7.10
C PRO A 102 0.33 22.12 5.61
N VAL A 103 1.05 21.40 4.76
CA VAL A 103 1.03 21.75 3.33
C VAL A 103 -0.32 21.36 2.72
N PHE A 104 -1.00 20.34 3.23
CA PHE A 104 -2.35 20.02 2.75
C PHE A 104 -3.29 21.18 3.09
N LYS A 105 -3.17 21.74 4.29
CA LYS A 105 -3.96 22.91 4.66
C LYS A 105 -3.67 24.06 3.71
N LYS A 106 -2.40 24.27 3.34
CA LYS A 106 -2.08 25.33 2.39
C LYS A 106 -2.73 25.04 1.04
N ALA A 107 -2.73 23.78 0.59
CA ALA A 107 -3.37 23.45 -0.71
C ALA A 107 -4.88 23.74 -0.64
N ARG A 108 -5.52 23.35 0.47
CA ARG A 108 -6.97 23.61 0.63
C ARG A 108 -7.22 25.13 0.67
N ASP A 109 -6.34 25.88 1.33
CA ASP A 109 -6.47 27.36 1.40
C ASP A 109 -6.37 27.96 -0.01
N ALA A 110 -5.65 27.28 -0.90
CA ALA A 110 -5.46 27.74 -2.29
C ALA A 110 -6.63 27.33 -3.20
N GLY A 111 -7.60 26.59 -2.67
CA GLY A 111 -8.76 26.14 -3.48
C GLY A 111 -8.47 24.87 -4.24
N ILE A 112 -7.41 24.17 -3.85
CA ILE A 112 -7.01 22.91 -4.52
C ILE A 112 -7.67 21.73 -3.81
N VAL A 113 -8.22 20.81 -4.58
CA VAL A 113 -8.78 19.57 -3.99
C VAL A 113 -7.61 18.68 -3.58
N VAL A 114 -7.67 18.12 -2.39
CA VAL A 114 -6.63 17.23 -1.88
C VAL A 114 -7.23 15.87 -1.56
N LEU A 115 -6.75 14.84 -2.25
CA LEU A 115 -7.22 13.49 -1.97
C LEU A 115 -6.05 12.62 -1.57
N THR A 116 -6.28 11.69 -0.66
CA THR A 116 -5.27 10.70 -0.34
C THR A 116 -5.74 9.31 -0.71
N ASN A 117 -4.74 8.44 -0.86
CA ASN A 117 -4.90 7.00 -0.87
C ASN A 117 -3.94 6.47 0.18
N GLU A 118 -4.39 5.47 0.94
CA GLU A 118 -3.59 4.92 2.03
C GLU A 118 -3.35 5.92 3.17
N SER A 119 -4.35 6.78 3.44
CA SER A 119 -4.29 7.60 4.63
C SER A 119 -5.69 7.84 5.18
N PRO A 120 -6.40 6.77 5.62
CA PRO A 120 -7.73 6.98 6.20
C PRO A 120 -7.64 7.94 7.37
N GLY A 121 -8.58 8.88 7.41
CA GLY A 121 -8.62 9.86 8.49
C GLY A 121 -7.73 11.08 8.29
N GLN A 122 -7.08 11.20 7.16
CA GLN A 122 -6.17 12.32 6.92
C GLN A 122 -6.92 13.63 7.18
N PRO A 123 -6.52 14.49 8.13
CA PRO A 123 -7.47 15.59 8.49
C PRO A 123 -7.89 16.59 7.43
N SER A 124 -6.90 17.00 6.62
CA SER A 124 -7.02 18.08 5.66
C SER A 124 -7.28 17.59 4.25
N ALA A 125 -7.46 16.28 4.03
CA ALA A 125 -7.81 15.81 2.71
C ALA A 125 -9.32 15.88 2.58
N ASN A 126 -9.81 16.27 1.40
CA ASN A 126 -11.24 16.26 1.13
C ASN A 126 -11.79 14.83 1.33
N TRP A 127 -11.05 13.83 0.79
CA TRP A 127 -11.41 12.42 0.89
C TRP A 127 -10.14 11.59 0.85
N ASP A 128 -10.23 10.45 1.53
CA ASP A 128 -9.27 9.36 1.34
C ASP A 128 -9.99 8.25 0.59
N ILE A 129 -9.27 7.60 -0.33
CA ILE A 129 -9.77 6.51 -1.14
C ILE A 129 -9.01 5.25 -0.76
N GLU A 130 -9.75 4.14 -0.58
CA GLU A 130 -9.16 2.84 -0.31
C GLU A 130 -9.79 1.81 -1.24
N ILE A 131 -8.98 0.83 -1.66
CA ILE A 131 -9.44 -0.20 -2.58
C ILE A 131 -9.89 -1.46 -1.86
N ILE A 132 -9.58 -1.58 -0.55
CA ILE A 132 -10.01 -2.70 0.27
C ILE A 132 -10.57 -2.15 1.57
N ASP A 133 -11.27 -3.03 2.30
CA ASP A 133 -11.80 -2.75 3.63
C ASP A 133 -10.75 -3.19 4.66
N ASN A 134 -10.31 -2.29 5.53
CA ASN A 134 -9.21 -2.58 6.45
C ASN A 134 -9.46 -3.81 7.32
N GLU A 135 -10.63 -3.88 7.92
CA GLU A 135 -10.93 -4.96 8.84
C GLU A 135 -11.00 -6.31 8.12
N LYS A 136 -11.65 -6.34 6.97
CA LYS A 136 -11.74 -7.57 6.22
C LYS A 136 -10.35 -8.04 5.72
N PHE A 137 -9.52 -7.06 5.32
CA PHE A 137 -8.19 -7.31 4.79
C PHE A 137 -7.31 -7.93 5.85
N ALA A 138 -7.30 -7.36 7.06
CA ALA A 138 -6.50 -7.90 8.15
C ALA A 138 -6.98 -9.30 8.50
N ALA A 139 -8.31 -9.52 8.56
CA ALA A 139 -8.85 -10.84 8.84
C ALA A 139 -8.35 -11.85 7.84
N GLU A 140 -8.38 -11.48 6.56
CA GLU A 140 -7.96 -12.41 5.51
C GLU A 140 -6.50 -12.82 5.69
N TYR A 141 -5.65 -11.86 6.01
CA TYR A 141 -4.22 -12.20 6.29
C TYR A 141 -4.13 -13.24 7.39
N VAL A 142 -4.82 -12.98 8.51
CA VAL A 142 -4.66 -13.88 9.63
C VAL A 142 -5.24 -15.25 9.30
N GLU A 143 -6.41 -15.29 8.64
CA GLU A 143 -7.01 -16.61 8.40
C GLU A 143 -6.13 -17.41 7.44
N HIS A 144 -5.58 -16.73 6.44
CA HIS A 144 -4.68 -17.45 5.47
C HIS A 144 -3.43 -17.93 6.20
N MET A 145 -2.82 -17.05 7.01
CA MET A 145 -1.63 -17.44 7.75
C MET A 145 -1.89 -18.59 8.74
N ALA A 146 -2.99 -18.49 9.47
CA ALA A 146 -3.32 -19.50 10.52
C ALA A 146 -3.59 -20.88 9.91
N LYS A 147 -4.24 -20.92 8.76
CA LYS A 147 -4.52 -22.19 8.13
C LYS A 147 -3.22 -22.96 7.83
N ARG A 148 -2.27 -22.26 7.20
CA ARG A 148 -0.97 -22.89 6.82
C ARG A 148 -0.11 -23.21 8.06
N MET A 149 -0.24 -22.42 9.13
CA MET A 149 0.56 -22.61 10.38
C MET A 149 -0.15 -23.56 11.36
N GLY A 150 -1.36 -24.01 11.03
CA GLY A 150 -2.13 -24.82 12.00
C GLY A 150 -2.45 -24.02 13.25
N GLY A 151 -2.53 -22.69 13.14
CA GLY A 151 -2.92 -21.83 14.29
C GLY A 151 -1.82 -21.66 15.32
N LYS A 152 -0.59 -22.06 14.99
CA LYS A 152 0.48 -22.03 16.00
C LYS A 152 1.80 -21.61 15.35
N GLY A 153 2.51 -20.71 16.02
CA GLY A 153 3.83 -20.34 15.50
C GLY A 153 4.10 -18.86 15.50
N GLY A 154 5.33 -18.53 15.18
CA GLY A 154 5.80 -17.16 15.14
C GLY A 154 5.57 -16.52 13.78
N TYR A 155 5.37 -15.21 13.79
CA TYR A 155 5.32 -14.44 12.56
C TYR A 155 5.96 -13.08 12.80
N VAL A 156 6.21 -12.37 11.72
CA VAL A 156 6.70 -10.99 11.80
C VAL A 156 6.00 -10.17 10.73
N ILE A 157 5.87 -8.87 10.99
CA ILE A 157 5.30 -7.92 10.06
C ILE A 157 6.34 -6.91 9.65
N TYR A 158 6.45 -6.69 8.33
CA TYR A 158 7.25 -5.59 7.78
C TYR A 158 6.34 -4.48 7.32
N VAL A 159 6.70 -3.23 7.70
CA VAL A 159 6.01 -2.03 7.30
C VAL A 159 7.02 -1.12 6.59
N GLY A 160 6.54 -0.16 5.82
CA GLY A 160 7.45 0.70 5.11
C GLY A 160 8.25 1.64 5.99
N SER A 161 7.62 2.09 7.06
CA SER A 161 8.25 2.92 8.07
C SER A 161 7.42 2.79 9.35
N LEU A 162 7.95 3.30 10.44
CA LEU A 162 7.23 3.28 11.70
C LEU A 162 6.08 4.25 11.78
N THR A 163 5.92 5.16 10.81
CA THR A 163 4.82 6.12 10.81
C THR A 163 3.91 6.02 9.60
N VAL A 164 4.26 5.25 8.55
CA VAL A 164 3.44 5.30 7.35
C VAL A 164 2.01 4.89 7.71
N PRO A 165 0.95 5.59 7.25
CA PRO A 165 -0.37 5.35 7.87
C PRO A 165 -0.95 3.95 7.67
N GLN A 166 -1.19 3.52 6.41
CA GLN A 166 -1.97 2.31 6.20
C GLN A 166 -1.21 1.08 6.67
N HIS A 167 0.09 0.99 6.38
CA HIS A 167 0.77 -0.21 6.78
C HIS A 167 0.59 -0.44 8.27
N ASN A 168 0.71 0.63 9.05
CA ASN A 168 0.60 0.51 10.49
C ASN A 168 -0.82 0.24 10.97
N LEU A 169 -1.83 0.79 10.29
CA LEU A 169 -3.22 0.45 10.63
C LEU A 169 -3.47 -1.04 10.33
N TRP A 170 -3.06 -1.51 9.14
CA TRP A 170 -3.24 -2.89 8.78
C TRP A 170 -2.54 -3.80 9.77
N ALA A 171 -1.30 -3.44 10.15
CA ALA A 171 -0.54 -4.24 11.09
C ALA A 171 -1.26 -4.28 12.45
N ASP A 172 -1.76 -3.14 12.91
CA ASP A 172 -2.47 -3.10 14.17
C ASP A 172 -3.64 -4.07 14.15
N LEU A 173 -4.41 -4.00 13.07
CA LEU A 173 -5.61 -4.83 12.95
C LEU A 173 -5.26 -6.30 12.84
N LEU A 174 -4.18 -6.61 12.13
CA LEU A 174 -3.73 -7.99 11.99
C LEU A 174 -3.43 -8.56 13.38
N VAL A 175 -2.58 -7.86 14.13
CA VAL A 175 -2.17 -8.36 15.43
C VAL A 175 -3.39 -8.51 16.37
N LYS A 176 -4.28 -7.51 16.40
CA LYS A 176 -5.46 -7.57 17.24
C LYS A 176 -6.32 -8.76 16.87
N TYR A 177 -6.58 -8.94 15.57
CA TYR A 177 -7.36 -10.07 15.10
C TYR A 177 -6.69 -11.39 15.52
N GLN A 178 -5.40 -11.50 15.28
CA GLN A 178 -4.66 -12.75 15.65
C GLN A 178 -4.86 -13.04 17.14
N LYS A 179 -4.70 -12.03 18.00
CA LYS A 179 -4.77 -12.27 19.42
C LYS A 179 -6.17 -12.74 19.83
N GLU A 180 -7.21 -12.31 19.12
CA GLU A 180 -8.60 -12.65 19.40
C GLU A 180 -9.07 -13.93 18.71
N HIS A 181 -8.17 -14.60 17.97
CA HIS A 181 -8.55 -15.82 17.27
C HIS A 181 -7.60 -16.99 17.52
N TYR A 182 -6.30 -16.72 17.42
CA TYR A 182 -5.29 -17.82 17.47
C TYR A 182 -4.24 -17.51 18.52
N PRO A 183 -4.50 -17.85 19.77
CA PRO A 183 -3.57 -17.43 20.81
C PRO A 183 -2.19 -18.05 20.70
N ASP A 184 -2.04 -19.16 19.97
CA ASP A 184 -0.73 -19.88 19.86
C ASP A 184 0.12 -19.26 18.75
N MET A 185 -0.40 -18.26 18.06
CA MET A 185 0.42 -17.50 17.10
C MET A 185 0.98 -16.30 17.89
N HIS A 186 2.13 -15.78 17.45
CA HIS A 186 2.70 -14.64 18.15
C HIS A 186 3.72 -13.94 17.27
N GLU A 187 3.80 -12.60 17.40
CA GLU A 187 4.85 -11.86 16.75
C GLU A 187 6.19 -12.22 17.38
N VAL A 188 7.20 -12.54 16.58
CA VAL A 188 8.50 -12.86 17.15
C VAL A 188 9.23 -11.59 17.62
N THR A 189 8.99 -10.48 16.94
CA THR A 189 9.56 -9.17 17.20
C THR A 189 8.48 -8.13 16.89
N ARG A 190 8.67 -6.91 17.38
CA ARG A 190 7.93 -5.76 16.87
C ARG A 190 8.07 -5.67 15.36
N ARG A 191 7.08 -4.98 14.76
CA ARG A 191 7.11 -4.78 13.32
C ARG A 191 8.40 -4.04 12.91
N MET A 192 8.89 -4.37 11.71
CA MET A 192 10.18 -3.89 11.25
C MET A 192 10.01 -3.00 10.03
N PRO A 193 10.63 -1.79 10.05
CA PRO A 193 10.41 -0.78 9.01
C PRO A 193 11.35 -1.01 7.85
N VAL A 194 11.11 -2.09 7.10
CA VAL A 194 12.00 -2.57 6.06
C VAL A 194 11.29 -2.84 4.75
N ALA A 195 9.96 -2.68 4.70
CA ALA A 195 9.16 -3.20 3.59
C ALA A 195 9.36 -2.49 2.25
N GLU A 196 10.01 -1.32 2.24
CA GLU A 196 10.27 -0.62 1.00
C GLU A 196 11.60 -1.03 0.35
N SER A 197 12.39 -1.87 1.01
CA SER A 197 13.70 -2.24 0.48
C SER A 197 13.76 -3.76 0.29
N VAL A 198 14.04 -4.20 -0.92
CA VAL A 198 14.27 -5.61 -1.17
C VAL A 198 15.46 -6.13 -0.32
N ASP A 199 16.59 -5.43 -0.44
N ASP A 199 16.60 -5.43 -0.43
CA ASP A 199 17.84 -5.88 0.25
CA ASP A 199 17.84 -5.89 0.25
C ASP A 199 17.62 -5.92 1.76
C ASP A 199 17.63 -5.91 1.77
N VAL A 200 17.09 -4.84 2.33
CA VAL A 200 16.94 -4.82 3.77
C VAL A 200 15.93 -5.87 4.23
N SER A 201 14.82 -6.01 3.50
CA SER A 201 13.85 -7.05 3.79
C SER A 201 14.49 -8.44 3.77
N ARG A 202 15.35 -8.70 2.78
CA ARG A 202 16.05 -9.95 2.66
C ARG A 202 16.95 -10.18 3.86
N ARG A 203 17.81 -9.21 4.20
CA ARG A 203 18.69 -9.39 5.35
C ARG A 203 17.91 -9.60 6.64
N THR A 204 16.86 -8.83 6.85
CA THR A 204 16.05 -8.94 8.06
C THR A 204 15.49 -10.35 8.14
N THR A 205 14.98 -10.87 7.02
CA THR A 205 14.37 -12.19 7.01
C THR A 205 15.44 -13.26 7.35
N LEU A 206 16.63 -13.17 6.75
CA LEU A 206 17.71 -14.09 7.10
C LEU A 206 17.99 -14.07 8.59
N ASP A 207 18.11 -12.86 9.14
CA ASP A 207 18.42 -12.71 10.55
C ASP A 207 17.33 -13.34 11.43
N LEU A 208 16.07 -13.07 11.09
CA LEU A 208 14.98 -13.58 11.91
C LEU A 208 14.85 -15.09 11.80
N MET A 209 15.07 -15.65 10.62
CA MET A 209 15.02 -17.10 10.46
C MET A 209 16.10 -17.79 11.27
N LYS A 210 17.28 -17.17 11.37
CA LYS A 210 18.33 -17.74 12.18
C LYS A 210 18.04 -17.66 13.67
N THR A 211 17.36 -16.60 14.10
CA THR A 211 17.12 -16.32 15.51
C THR A 211 15.92 -17.09 16.07
N TYR A 212 14.85 -17.22 15.29
CA TYR A 212 13.58 -17.70 15.82
C TYR A 212 13.24 -19.05 15.16
N PRO A 213 13.50 -20.15 15.87
CA PRO A 213 13.13 -21.46 15.35
C PRO A 213 11.67 -21.64 15.01
N ASP A 214 10.81 -20.92 15.69
CA ASP A 214 9.39 -21.10 15.48
C ASP A 214 8.80 -20.07 14.52
N LEU A 215 9.63 -19.30 13.81
CA LEU A 215 9.13 -18.39 12.82
C LEU A 215 8.59 -19.19 11.64
N LYS A 216 7.30 -18.94 11.34
CA LYS A 216 6.61 -19.65 10.28
C LYS A 216 6.03 -18.74 9.22
N ALA A 217 6.01 -17.42 9.40
CA ALA A 217 5.44 -16.55 8.38
C ALA A 217 6.03 -15.14 8.49
N VAL A 218 6.23 -14.55 7.33
CA VAL A 218 6.60 -13.15 7.19
C VAL A 218 5.46 -12.48 6.41
N VAL A 219 4.97 -11.36 6.93
CA VAL A 219 3.95 -10.53 6.30
C VAL A 219 4.57 -9.19 5.96
N SER A 220 4.47 -8.77 4.71
CA SER A 220 4.97 -7.42 4.34
C SER A 220 3.86 -6.58 3.71
N PHE A 221 3.57 -5.43 4.32
CA PHE A 221 2.58 -4.51 3.74
C PHE A 221 3.17 -3.58 2.66
N GLY A 222 4.50 -3.47 2.58
CA GLY A 222 5.12 -2.78 1.49
C GLY A 222 5.49 -3.78 0.41
N SER A 223 5.45 -3.32 -0.84
CA SER A 223 5.53 -4.19 -2.02
C SER A 223 6.89 -4.82 -2.25
N ASN A 224 7.97 -4.25 -1.73
CA ASN A 224 9.29 -4.84 -1.89
C ASN A 224 9.58 -5.93 -0.87
N GLY A 225 8.90 -5.89 0.28
CA GLY A 225 9.19 -6.81 1.36
C GLY A 225 8.97 -8.29 0.98
N PRO A 226 7.91 -8.69 0.26
CA PRO A 226 7.79 -10.10 -0.12
C PRO A 226 8.90 -10.55 -1.04
N ILE A 227 9.42 -9.62 -1.86
CA ILE A 227 10.51 -9.97 -2.76
C ILE A 227 11.73 -10.29 -1.93
N GLY A 228 12.10 -9.40 -1.01
CA GLY A 228 13.28 -9.68 -0.20
C GLY A 228 13.10 -10.91 0.68
N ALA A 229 11.95 -11.01 1.35
CA ALA A 229 11.68 -12.17 2.21
C ALA A 229 11.70 -13.45 1.38
N GLY A 230 11.07 -13.43 0.19
CA GLY A 230 11.03 -14.62 -0.63
C GLY A 230 12.42 -15.03 -1.09
N ARG A 231 13.28 -14.04 -1.42
CA ARG A 231 14.65 -14.36 -1.77
C ARG A 231 15.42 -14.96 -0.60
N ALA A 232 15.18 -14.47 0.61
CA ALA A 232 15.82 -15.08 1.79
C ALA A 232 15.37 -16.50 2.03
N VAL A 233 14.06 -16.71 1.93
CA VAL A 233 13.50 -18.05 2.08
C VAL A 233 14.09 -18.99 1.03
N LYS A 234 14.16 -18.52 -0.22
CA LYS A 234 14.77 -19.33 -1.28
C LYS A 234 16.21 -19.70 -0.95
N GLU A 235 17.00 -18.71 -0.56
CA GLU A 235 18.43 -18.94 -0.25
C GLU A 235 18.61 -19.97 0.84
N LYS A 236 17.75 -19.94 1.83
CA LYS A 236 17.82 -20.88 2.95
C LYS A 236 16.99 -22.13 2.73
N ARG A 237 16.40 -22.27 1.54
CA ARG A 237 15.67 -23.48 1.19
C ARG A 237 14.63 -23.78 2.27
N ALA A 238 13.82 -22.76 2.55
CA ALA A 238 12.92 -22.81 3.70
C ALA A 238 11.45 -22.63 3.36
N LYS A 239 11.05 -22.79 2.09
CA LYS A 239 9.70 -22.44 1.68
C LYS A 239 8.58 -23.22 2.35
N ASN A 240 8.83 -24.46 2.82
CA ASN A 240 7.78 -25.19 3.51
C ASN A 240 7.77 -24.86 5.00
N LYS A 241 8.75 -24.14 5.51
CA LYS A 241 8.81 -23.76 6.92
C LYS A 241 8.38 -22.32 7.13
N VAL A 242 8.79 -21.40 6.26
CA VAL A 242 8.55 -19.98 6.45
C VAL A 242 7.75 -19.47 5.26
N ALA A 243 6.45 -19.18 5.49
CA ALA A 243 5.58 -18.63 4.47
C ALA A 243 5.83 -17.13 4.33
N VAL A 244 5.53 -16.60 3.17
CA VAL A 244 5.67 -15.18 2.88
C VAL A 244 4.37 -14.67 2.26
N TYR A 245 3.82 -13.66 2.90
CA TYR A 245 2.55 -13.04 2.42
C TYR A 245 2.74 -11.55 2.31
N GLY A 246 1.99 -10.91 1.43
CA GLY A 246 2.05 -9.45 1.46
C GLY A 246 1.47 -8.74 0.26
N MET A 247 1.70 -7.44 0.25
CA MET A 247 1.27 -6.61 -0.89
C MET A 247 2.33 -6.79 -1.97
N MET A 248 1.88 -6.84 -3.22
CA MET A 248 2.87 -7.08 -4.30
C MET A 248 2.28 -6.86 -5.69
N ILE A 249 3.16 -6.56 -6.62
CA ILE A 249 2.81 -6.51 -8.03
C ILE A 249 3.10 -7.90 -8.61
N PRO A 250 2.11 -8.55 -9.26
CA PRO A 250 2.35 -9.89 -9.77
C PRO A 250 3.60 -10.06 -10.62
N SER A 251 3.90 -9.17 -11.57
CA SER A 251 5.07 -9.36 -12.41
C SER A 251 6.36 -9.33 -11.61
N GLN A 252 6.42 -8.53 -10.55
CA GLN A 252 7.60 -8.43 -9.72
C GLN A 252 7.81 -9.70 -8.90
N ALA A 253 6.69 -10.26 -8.44
CA ALA A 253 6.72 -11.40 -7.54
C ALA A 253 6.65 -12.74 -8.27
N ALA A 254 6.43 -12.72 -9.59
CA ALA A 254 6.04 -13.96 -10.29
C ALA A 254 7.04 -15.08 -10.13
N SER A 255 8.34 -14.82 -10.30
CA SER A 255 9.32 -15.89 -10.24
C SER A 255 9.32 -16.57 -8.88
N LEU A 256 9.22 -15.76 -7.83
CA LEU A 256 9.22 -16.32 -6.46
C LEU A 256 7.90 -17.02 -6.13
N ILE A 257 6.78 -16.54 -6.66
CA ILE A 257 5.52 -17.25 -6.51
C ILE A 257 5.60 -18.62 -7.18
N LYS A 258 6.12 -18.66 -8.41
CA LYS A 258 6.24 -19.90 -9.16
C LYS A 258 7.14 -20.91 -8.44
N SER A 259 8.24 -20.45 -7.86
CA SER A 259 9.16 -21.34 -7.16
C SER A 259 8.65 -21.71 -5.77
N GLY A 260 7.55 -21.08 -5.30
CA GLY A 260 6.91 -21.38 -4.03
C GLY A 260 7.50 -20.61 -2.84
N ASP A 261 8.40 -19.67 -3.08
CA ASP A 261 9.09 -18.94 -2.04
C ASP A 261 8.32 -17.75 -1.53
N ILE A 262 7.44 -17.18 -2.36
CA ILE A 262 6.36 -16.33 -1.87
C ILE A 262 5.10 -17.17 -1.86
N THR A 263 4.38 -17.16 -0.74
CA THR A 263 3.21 -18.03 -0.55
C THR A 263 2.00 -17.42 -1.26
N GLU A 264 1.71 -16.18 -0.91
CA GLU A 264 0.48 -15.59 -1.47
C GLU A 264 0.50 -14.06 -1.37
N GLY A 265 0.09 -13.40 -2.44
CA GLY A 265 -0.14 -11.95 -2.36
C GLY A 265 -1.58 -11.73 -1.91
N ILE A 266 -1.77 -10.91 -0.89
CA ILE A 266 -3.15 -10.52 -0.45
C ILE A 266 -3.08 -9.01 -0.64
N THR A 267 -3.63 -8.54 -1.75
CA THR A 267 -3.34 -7.16 -2.12
C THR A 267 -4.18 -6.89 -3.33
N TYR A 268 -4.09 -5.67 -3.84
CA TYR A 268 -5.08 -5.10 -4.79
C TYR A 268 -4.27 -4.50 -5.92
N ASP A 269 -4.97 -4.15 -6.98
CA ASP A 269 -4.34 -3.58 -8.17
C ASP A 269 -4.20 -2.08 -7.97
N PRO A 270 -2.97 -1.54 -7.85
CA PRO A 270 -2.86 -0.12 -7.59
C PRO A 270 -3.30 0.78 -8.73
N ALA A 271 -3.43 0.23 -9.94
CA ALA A 271 -4.02 1.03 -11.01
C ALA A 271 -5.45 1.41 -10.66
N SER A 272 -6.12 0.59 -9.88
CA SER A 272 -7.48 0.94 -9.43
C SER A 272 -7.46 2.14 -8.50
N ALA A 273 -6.45 2.20 -7.64
CA ALA A 273 -6.28 3.33 -6.75
C ALA A 273 -5.98 4.61 -7.55
N GLY A 274 -5.04 4.54 -8.49
CA GLY A 274 -4.72 5.70 -9.30
C GLY A 274 -5.93 6.19 -10.07
N TYR A 275 -6.66 5.25 -10.69
CA TYR A 275 -7.84 5.58 -11.46
C TYR A 275 -8.92 6.23 -10.58
N ALA A 276 -9.17 5.64 -9.41
CA ALA A 276 -10.21 6.15 -8.52
C ALA A 276 -9.84 7.55 -8.02
N LEU A 277 -8.57 7.79 -7.69
CA LEU A 277 -8.16 9.11 -7.22
C LEU A 277 -8.48 10.17 -8.27
N ALA A 278 -8.06 9.92 -9.53
CA ALA A 278 -8.29 10.92 -10.59
C ALA A 278 -9.79 11.03 -10.90
N ALA A 279 -10.52 9.91 -10.83
CA ALA A 279 -11.97 9.95 -11.07
C ALA A 279 -12.66 10.82 -10.04
N VAL A 280 -12.35 10.60 -8.74
CA VAL A 280 -13.00 11.39 -7.71
C VAL A 280 -12.58 12.85 -7.87
N ALA A 281 -11.30 13.12 -8.16
CA ALA A 281 -10.89 14.50 -8.39
C ALA A 281 -11.72 15.13 -9.50
N SER A 282 -11.92 14.42 -10.61
CA SER A 282 -12.66 14.93 -11.75
C SER A 282 -14.08 15.30 -11.30
N THR A 283 -14.74 14.41 -10.56
CA THR A 283 -16.10 14.65 -10.11
C THR A 283 -16.15 15.94 -9.31
N LEU A 284 -15.24 16.10 -8.33
CA LEU A 284 -15.22 17.27 -7.47
C LEU A 284 -14.94 18.53 -8.28
N LEU A 285 -14.05 18.43 -9.26
CA LEU A 285 -13.70 19.58 -10.09
C LEU A 285 -14.86 20.02 -11.00
N LYS A 286 -15.77 19.09 -11.31
CA LYS A 286 -16.95 19.35 -12.12
C LYS A 286 -18.11 19.85 -11.25
N GLY A 287 -17.91 19.93 -9.92
CA GLY A 287 -18.92 20.43 -9.02
C GLY A 287 -20.03 19.41 -8.78
N GLU A 288 -19.70 18.13 -8.98
CA GLU A 288 -20.67 17.05 -8.89
C GLU A 288 -20.54 16.37 -7.53
N GLU A 289 -21.63 15.71 -7.12
CA GLU A 289 -21.66 14.95 -5.90
C GLU A 289 -20.99 13.59 -6.11
N ILE A 290 -20.35 13.07 -5.06
CA ILE A 290 -19.52 11.87 -5.17
C ILE A 290 -20.34 10.67 -5.62
N LYS A 291 -19.92 10.03 -6.74
CA LYS A 291 -20.36 8.68 -7.11
C LYS A 291 -19.32 7.97 -8.01
N ALA A 302 -18.96 1.50 -4.42
CA ALA A 302 -18.13 2.05 -3.33
C ALA A 302 -18.97 2.45 -2.12
N ASP A 303 -18.38 2.32 -0.92
CA ASP A 303 -18.93 2.84 0.32
C ASP A 303 -18.37 4.24 0.53
N VAL A 304 -19.26 5.24 0.61
CA VAL A 304 -18.88 6.63 0.77
C VAL A 304 -19.25 7.00 2.21
N ASP A 305 -18.24 7.14 3.07
CA ASP A 305 -18.49 7.50 4.45
C ASP A 305 -18.19 8.98 4.61
N MET A 306 -19.26 9.72 4.62
CA MET A 306 -19.23 11.17 4.57
C MET A 306 -18.51 11.75 5.76
N ASP A 307 -18.82 11.23 6.95
CA ASP A 307 -18.30 11.86 8.13
C ASP A 307 -16.84 11.50 8.37
N LYS A 308 -16.41 10.31 7.90
CA LYS A 308 -15.01 9.93 7.99
C LYS A 308 -14.18 10.38 6.77
N ARG A 309 -14.87 10.82 5.74
CA ARG A 309 -14.30 11.27 4.47
C ARG A 309 -13.52 10.11 3.84
N ILE A 310 -14.10 8.91 3.79
CA ILE A 310 -13.43 7.76 3.17
C ILE A 310 -14.35 7.19 2.11
N ILE A 311 -13.76 6.94 0.93
CA ILE A 311 -14.40 6.23 -0.16
C ILE A 311 -13.71 4.88 -0.26
N ARG A 312 -14.45 3.81 -0.04
CA ARG A 312 -13.85 2.49 0.09
C ARG A 312 -14.48 1.52 -0.90
N PHE A 313 -13.63 0.82 -1.65
CA PHE A 313 -14.04 -0.34 -2.42
C PHE A 313 -13.60 -1.61 -1.69
N HIS A 314 -14.01 -2.79 -2.20
CA HIS A 314 -13.49 -4.03 -1.64
C HIS A 314 -13.14 -4.93 -2.81
N LYS A 315 -11.95 -4.67 -3.35
CA LYS A 315 -11.42 -5.35 -4.52
C LYS A 315 -10.09 -6.00 -4.14
N VAL A 316 -10.12 -6.99 -3.26
CA VAL A 316 -8.95 -7.77 -2.92
C VAL A 316 -8.50 -8.61 -4.11
N LEU A 317 -7.20 -8.65 -4.32
CA LEU A 317 -6.55 -9.51 -5.29
C LEU A 317 -5.70 -10.52 -4.54
N LEU A 318 -5.99 -11.82 -4.77
CA LEU A 318 -5.12 -12.88 -4.30
C LEU A 318 -4.18 -13.26 -5.45
N VAL A 319 -2.91 -13.41 -5.13
CA VAL A 319 -1.87 -13.77 -6.08
C VAL A 319 -1.25 -15.06 -5.58
N ASN A 320 -1.34 -16.12 -6.39
CA ASN A 320 -0.81 -17.41 -5.99
C ASN A 320 -0.34 -18.19 -7.22
N LYS A 321 0.27 -19.36 -6.98
CA LYS A 321 0.84 -20.14 -8.07
C LYS A 321 -0.25 -20.52 -9.08
N ASP A 322 -1.51 -20.66 -8.65
CA ASP A 322 -2.57 -21.08 -9.56
C ASP A 322 -2.98 -19.99 -10.54
N ASN A 323 -2.92 -18.70 -10.14
CA ASN A 323 -3.42 -17.64 -10.99
C ASN A 323 -2.30 -16.71 -11.46
N ILE A 324 -1.03 -16.93 -11.05
CA ILE A 324 0.01 -15.94 -11.37
C ILE A 324 0.11 -15.69 -12.86
N ASP A 325 -0.01 -16.74 -13.65
CA ASP A 325 0.24 -16.58 -15.09
C ASP A 325 -0.87 -15.76 -15.75
N SER A 326 -2.04 -15.68 -15.13
CA SER A 326 -3.15 -14.87 -15.61
C SER A 326 -2.99 -13.39 -15.24
N LEU A 327 -2.06 -13.08 -14.34
CA LEU A 327 -1.96 -11.73 -13.78
C LEU A 327 -0.83 -10.87 -14.31
N TYR A 328 0.03 -11.33 -15.19
CA TYR A 328 0.92 -10.34 -15.82
C TYR A 328 1.10 -10.69 -17.29
#